data_3V2N
#
_entry.id   3V2N
#
_cell.length_a   38.356
_cell.length_b   49.391
_cell.length_c   54.820
_cell.angle_alpha   90.000
_cell.angle_beta   103.870
_cell.angle_gamma   90.000
#
_symmetry.space_group_name_H-M   'P 1 21 1'
#
loop_
_entity.id
_entity.type
_entity.pdbx_description
1 polymer 'Cartilage Oligomerization matrix protein (coiled-coil domain)'
2 non-polymer 'MYRISTIC ACID'
3 water water
#
_entity_poly.entity_id   1
_entity_poly.type   'polypeptide(L)'
_entity_poly.pdbx_seq_one_letter_code
;MDLAPQMLRELQETNAALQDVRELLRQQVKEITFLKNTVMECDAC
;
_entity_poly.pdbx_strand_id   A,B,C,D,E
#
# COMPACT_ATOMS: atom_id res chain seq x y z
N MET A 1 13.31 16.99 28.94
CA MET A 1 13.90 15.62 29.10
C MET A 1 14.40 15.09 27.76
N ASP A 2 14.95 13.88 27.78
CA ASP A 2 15.47 13.25 26.57
C ASP A 2 14.36 12.58 25.75
N LEU A 3 14.25 12.97 24.49
CA LEU A 3 13.24 12.44 23.59
C LEU A 3 13.68 11.22 22.77
N ALA A 4 14.95 10.83 22.91
CA ALA A 4 15.46 9.68 22.16
C ALA A 4 14.66 8.41 22.43
N PRO A 5 14.38 8.11 23.71
CA PRO A 5 13.60 6.89 23.99
C PRO A 5 12.24 6.94 23.29
N GLN A 6 11.61 8.10 23.30
CA GLN A 6 10.32 8.25 22.66
C GLN A 6 10.43 8.08 21.15
N MET A 7 11.50 8.60 20.56
CA MET A 7 11.70 8.47 19.12
C MET A 7 11.86 6.99 18.76
N LEU A 8 12.60 6.25 19.58
CA LEU A 8 12.82 4.84 19.33
C LEU A 8 11.49 4.10 19.37
N ARG A 9 10.65 4.44 20.33
CA ARG A 9 9.33 3.81 20.45
C ARG A 9 8.48 4.08 19.20
N GLU A 10 8.54 5.30 18.68
CA GLU A 10 7.77 5.62 17.49
C GLU A 10 8.24 4.74 16.32
N LEU A 11 9.56 4.63 16.16
CA LEU A 11 10.14 3.79 15.09
C LEU A 11 9.68 2.34 15.27
N GLN A 12 9.65 1.87 16.51
CA GLN A 12 9.22 0.50 16.78
C GLN A 12 7.73 0.31 16.42
N GLU A 13 6.93 1.34 16.68
CA GLU A 13 5.52 1.27 16.37
C GLU A 13 5.33 1.31 14.86
N THR A 14 6.19 2.04 14.16
CA THR A 14 6.12 2.12 12.71
C THR A 14 6.34 0.74 12.11
N ASN A 15 7.40 0.05 12.55
CA ASN A 15 7.69 -1.27 12.03
C ASN A 15 6.58 -2.26 12.33
N ALA A 16 5.91 -2.10 13.48
CA ALA A 16 4.83 -3.01 13.81
C ALA A 16 3.69 -2.83 12.81
N ALA A 17 3.31 -1.58 12.57
CA ALA A 17 2.24 -1.28 11.62
C ALA A 17 2.66 -1.65 10.20
N LEU A 18 3.92 -1.40 9.87
CA LEU A 18 4.41 -1.73 8.53
C LEU A 18 4.38 -3.24 8.30
N GLN A 19 4.62 -4.01 9.35
CA GLN A 19 4.59 -5.46 9.24
C GLN A 19 3.17 -5.94 8.98
N ASP A 20 2.19 -5.34 9.64
CA ASP A 20 0.80 -5.73 9.42
C ASP A 20 0.43 -5.40 7.96
N VAL A 21 0.90 -4.25 7.48
CA VAL A 21 0.63 -3.84 6.11
C VAL A 21 1.19 -4.83 5.10
N ARG A 22 2.39 -5.35 5.37
CA ARG A 22 3.03 -6.32 4.50
C ARG A 22 2.23 -7.62 4.46
N GLU A 23 1.72 -8.04 5.61
CA GLU A 23 0.94 -9.26 5.71
C GLU A 23 -0.40 -9.15 4.97
N LEU A 24 -1.07 -8.02 5.14
CA LEU A 24 -2.34 -7.78 4.48
C LEU A 24 -2.14 -7.80 2.97
N LEU A 25 -1.15 -7.04 2.52
CA LEU A 25 -0.83 -6.95 1.11
C LEU A 25 -0.52 -8.33 0.53
N ARG A 26 0.20 -9.14 1.28
CA ARG A 26 0.55 -10.48 0.83
C ARG A 26 -0.73 -11.28 0.58
N GLN A 27 -1.69 -11.14 1.48
CA GLN A 27 -2.96 -11.84 1.34
C GLN A 27 -3.75 -11.27 0.15
N GLN A 28 -3.75 -9.94 0.02
CA GLN A 28 -4.48 -9.26 -1.05
C GLN A 28 -4.04 -9.74 -2.43
N VAL A 29 -2.73 -9.86 -2.65
CA VAL A 29 -2.25 -10.33 -3.94
C VAL A 29 -2.85 -11.71 -4.21
N LYS A 30 -2.85 -12.57 -3.21
CA LYS A 30 -3.41 -13.91 -3.36
C LYS A 30 -4.88 -13.85 -3.78
N GLU A 31 -5.64 -12.97 -3.15
CA GLU A 31 -7.06 -12.80 -3.45
C GLU A 31 -7.24 -12.28 -4.89
N ILE A 32 -6.43 -11.30 -5.28
CA ILE A 32 -6.51 -10.72 -6.61
C ILE A 32 -6.13 -11.73 -7.68
N THR A 33 -5.17 -12.60 -7.38
CA THR A 33 -4.74 -13.62 -8.35
C THR A 33 -5.86 -14.65 -8.50
N PHE A 34 -6.55 -14.92 -7.40
CA PHE A 34 -7.65 -15.88 -7.45
C PHE A 34 -8.77 -15.27 -8.30
N LEU A 35 -9.04 -14.00 -8.07
CA LEU A 35 -10.08 -13.28 -8.82
C LEU A 35 -9.75 -13.29 -10.31
N LYS A 36 -8.48 -13.06 -10.64
CA LYS A 36 -8.05 -13.07 -12.03
C LYS A 36 -8.34 -14.43 -12.68
N ASN A 37 -7.84 -15.49 -12.05
CA ASN A 37 -8.02 -16.85 -12.56
C ASN A 37 -9.49 -17.22 -12.74
N THR A 38 -10.33 -16.73 -11.83
CA THR A 38 -11.76 -17.01 -11.88
C THR A 38 -12.37 -16.33 -13.11
N VAL A 39 -11.96 -15.09 -13.36
CA VAL A 39 -12.45 -14.35 -14.51
C VAL A 39 -12.02 -15.03 -15.82
N MET A 40 -10.76 -15.48 -15.84
CA MET A 40 -10.20 -16.15 -17.01
C MET A 40 -10.99 -17.42 -17.37
N GLU A 41 -11.65 -18.01 -16.38
CA GLU A 41 -12.45 -19.21 -16.61
C GLU A 41 -13.94 -18.93 -16.71
N CYS A 42 -14.31 -17.65 -16.77
CA CYS A 42 -15.71 -17.29 -16.86
C CYS A 42 -16.26 -17.52 -18.27
N ASP A 43 -17.02 -18.59 -18.44
CA ASP A 43 -17.59 -18.98 -19.72
C ASP A 43 -18.17 -17.86 -20.57
N ALA A 44 -18.96 -16.98 -19.95
CA ALA A 44 -19.57 -15.86 -20.69
C ALA A 44 -18.53 -15.06 -21.45
N CYS A 45 -17.28 -15.14 -21.00
CA CYS A 45 -16.17 -14.42 -21.64
C CYS A 45 -15.52 -15.21 -22.78
N MET B 1 22.11 6.56 27.91
CA MET B 1 22.47 5.40 27.05
C MET B 1 22.21 5.68 25.58
N ASP B 2 23.25 5.51 24.77
CA ASP B 2 23.16 5.74 23.34
C ASP B 2 22.18 4.81 22.64
N LEU B 3 21.09 5.38 22.13
CA LEU B 3 20.05 4.59 21.46
C LEU B 3 20.22 4.56 19.94
N ALA B 4 21.29 5.19 19.46
CA ALA B 4 21.58 5.24 18.03
C ALA B 4 21.66 3.84 17.41
N PRO B 5 22.36 2.91 18.06
CA PRO B 5 22.47 1.55 17.51
C PRO B 5 21.11 0.89 17.33
N GLN B 6 20.24 1.03 18.32
CA GLN B 6 18.90 0.44 18.24
C GLN B 6 18.06 1.16 17.19
N MET B 7 18.18 2.48 17.09
CA MET B 7 17.41 3.23 16.10
C MET B 7 17.80 2.79 14.69
N LEU B 8 19.10 2.63 14.46
CA LEU B 8 19.60 2.21 13.16
C LEU B 8 18.97 0.88 12.78
N ARG B 9 18.96 -0.07 13.71
CA ARG B 9 18.35 -1.37 13.43
C ARG B 9 16.87 -1.26 13.03
N GLU B 10 16.16 -0.33 13.66
CA GLU B 10 14.74 -0.12 13.32
C GLU B 10 14.62 0.43 11.90
N LEU B 11 15.49 1.37 11.55
CA LEU B 11 15.46 1.96 10.21
C LEU B 11 15.81 0.90 9.16
N GLN B 12 16.70 -0.01 9.52
CA GLN B 12 17.09 -1.07 8.60
C GLN B 12 15.93 -2.05 8.41
N GLU B 13 15.22 -2.34 9.50
CA GLU B 13 14.07 -3.25 9.43
C GLU B 13 12.97 -2.61 8.57
N THR B 14 12.81 -1.30 8.71
CA THR B 14 11.81 -0.57 7.93
C THR B 14 12.09 -0.69 6.42
N ASN B 15 13.34 -0.49 6.02
CA ASN B 15 13.68 -0.60 4.61
C ASN B 15 13.49 -2.02 4.08
N ALA B 16 13.80 -3.02 4.90
CA ALA B 16 13.62 -4.42 4.48
C ALA B 16 12.12 -4.70 4.25
N ALA B 17 11.29 -4.16 5.13
CA ALA B 17 9.84 -4.35 5.01
C ALA B 17 9.34 -3.60 3.78
N LEU B 18 9.88 -2.41 3.52
CA LEU B 18 9.43 -1.64 2.36
C LEU B 18 9.78 -2.33 1.05
N GLN B 19 10.92 -3.02 1.03
CA GLN B 19 11.38 -3.72 -0.16
C GLN B 19 10.41 -4.84 -0.48
N ASP B 20 9.90 -5.50 0.56
CA ASP B 20 8.95 -6.57 0.35
C ASP B 20 7.62 -5.98 -0.11
N VAL B 21 7.23 -4.84 0.45
CA VAL B 21 5.99 -4.17 0.06
C VAL B 21 6.01 -3.74 -1.42
N ARG B 22 7.12 -3.16 -1.87
CA ARG B 22 7.27 -2.73 -3.25
C ARG B 22 7.23 -3.93 -4.19
N GLU B 23 7.92 -5.01 -3.83
CA GLU B 23 7.93 -6.21 -4.66
C GLU B 23 6.52 -6.80 -4.77
N LEU B 24 5.78 -6.78 -3.68
CA LEU B 24 4.42 -7.31 -3.67
C LEU B 24 3.51 -6.44 -4.52
N LEU B 25 3.68 -5.13 -4.42
CA LEU B 25 2.85 -4.20 -5.18
C LEU B 25 3.13 -4.34 -6.67
N ARG B 26 4.37 -4.66 -7.03
CA ARG B 26 4.74 -4.84 -8.43
C ARG B 26 3.98 -6.03 -9.01
N GLN B 27 4.00 -7.14 -8.31
CA GLN B 27 3.28 -8.32 -8.78
C GLN B 27 1.78 -8.08 -8.79
N GLN B 28 1.29 -7.31 -7.83
CA GLN B 28 -0.15 -7.04 -7.75
C GLN B 28 -0.60 -6.20 -8.94
N VAL B 29 0.17 -5.20 -9.31
CA VAL B 29 -0.21 -4.36 -10.45
C VAL B 29 -0.23 -5.18 -11.75
N LYS B 30 0.62 -6.19 -11.82
CA LYS B 30 0.69 -7.04 -13.02
C LYS B 30 -0.57 -7.90 -13.12
N GLU B 31 -1.04 -8.43 -11.99
CA GLU B 31 -2.24 -9.25 -11.95
C GLU B 31 -3.47 -8.41 -12.31
N ILE B 32 -3.53 -7.20 -11.77
CA ILE B 32 -4.65 -6.31 -12.03
C ILE B 32 -4.69 -5.90 -13.49
N THR B 33 -3.52 -5.65 -14.07
CA THR B 33 -3.44 -5.26 -15.47
C THR B 33 -3.95 -6.41 -16.33
N PHE B 34 -3.60 -7.64 -15.97
CA PHE B 34 -4.04 -8.82 -16.71
C PHE B 34 -5.54 -9.01 -16.56
N LEU B 35 -6.07 -8.68 -15.38
CA LEU B 35 -7.50 -8.80 -15.13
C LEU B 35 -8.23 -7.76 -15.99
N LYS B 36 -7.68 -6.54 -16.06
CA LYS B 36 -8.28 -5.48 -16.86
C LYS B 36 -8.44 -5.91 -18.31
N ASN B 37 -7.33 -6.34 -18.91
CA ASN B 37 -7.35 -6.78 -20.30
C ASN B 37 -8.27 -7.96 -20.58
N THR B 38 -8.36 -8.87 -19.62
CA THR B 38 -9.21 -10.05 -19.79
C THR B 38 -10.68 -9.66 -19.82
N VAL B 39 -11.06 -8.65 -19.05
CA VAL B 39 -12.44 -8.20 -19.03
C VAL B 39 -12.72 -7.43 -20.31
N MET B 40 -11.71 -6.73 -20.80
CA MET B 40 -11.84 -5.95 -22.04
C MET B 40 -12.13 -6.85 -23.24
N GLU B 41 -11.59 -8.06 -23.26
CA GLU B 41 -11.88 -8.96 -24.37
C GLU B 41 -12.87 -10.04 -23.96
N CYS B 42 -13.73 -9.71 -23.01
CA CYS B 42 -14.74 -10.64 -22.54
C CYS B 42 -15.92 -10.63 -23.49
N ASP B 43 -16.24 -11.80 -24.06
CA ASP B 43 -17.34 -11.97 -24.99
C ASP B 43 -18.62 -11.29 -24.48
N ALA B 44 -19.11 -11.75 -23.34
CA ALA B 44 -20.32 -11.19 -22.75
C ALA B 44 -20.04 -9.80 -22.20
N CYS B 45 -19.97 -8.82 -23.10
CA CYS B 45 -19.72 -7.43 -22.72
C CYS B 45 -19.99 -6.50 -23.89
N MET C 1 31.64 4.61 17.46
CA MET C 1 31.47 4.75 15.99
C MET C 1 30.22 5.55 15.68
N ASP C 2 30.38 6.67 14.97
CA ASP C 2 29.24 7.52 14.61
C ASP C 2 28.35 6.82 13.57
N LEU C 3 27.09 6.63 13.92
CA LEU C 3 26.14 5.97 13.04
C LEU C 3 25.24 6.93 12.28
N ALA C 4 25.39 8.23 12.52
CA ALA C 4 24.56 9.22 11.84
C ALA C 4 24.63 9.10 10.31
N PRO C 5 25.84 9.03 9.74
CA PRO C 5 25.95 8.90 8.28
C PRO C 5 25.12 7.74 7.76
N GLN C 6 25.26 6.58 8.39
CA GLN C 6 24.52 5.40 7.97
C GLN C 6 23.00 5.57 8.18
N MET C 7 22.61 6.22 9.28
CA MET C 7 21.19 6.42 9.55
C MET C 7 20.59 7.33 8.48
N LEU C 8 21.35 8.32 8.04
CA LEU C 8 20.88 9.24 6.99
C LEU C 8 20.67 8.45 5.71
N ARG C 9 21.61 7.55 5.40
CA ARG C 9 21.50 6.74 4.19
C ARG C 9 20.26 5.85 4.23
N GLU C 10 19.89 5.39 5.42
CA GLU C 10 18.70 4.56 5.57
C GLU C 10 17.45 5.41 5.27
N LEU C 11 17.41 6.61 5.83
CA LEU C 11 16.27 7.50 5.63
C LEU C 11 16.11 7.84 4.15
N GLN C 12 17.23 8.01 3.45
CA GLN C 12 17.17 8.31 2.02
C GLN C 12 16.64 7.11 1.26
N GLU C 13 17.05 5.91 1.68
CA GLU C 13 16.56 4.69 1.03
C GLU C 13 15.06 4.55 1.24
N THR C 14 14.57 4.96 2.41
CA THR C 14 13.14 4.88 2.71
C THR C 14 12.37 5.78 1.76
N ASN C 15 12.87 6.98 1.53
CA ASN C 15 12.19 7.90 0.62
C ASN C 15 12.26 7.41 -0.83
N ALA C 16 13.35 6.74 -1.19
CA ALA C 16 13.50 6.23 -2.55
C ALA C 16 12.46 5.13 -2.80
N ALA C 17 12.37 4.17 -1.88
CA ALA C 17 11.42 3.07 -2.03
C ALA C 17 9.97 3.57 -1.97
N LEU C 18 9.72 4.56 -1.11
CA LEU C 18 8.38 5.10 -0.96
C LEU C 18 7.92 5.80 -2.25
N GLN C 19 8.85 6.45 -2.94
CA GLN C 19 8.52 7.13 -4.18
C GLN C 19 8.14 6.06 -5.20
N ASP C 20 8.81 4.92 -5.13
CA ASP C 20 8.54 3.81 -6.04
C ASP C 20 7.15 3.25 -5.73
N VAL C 21 6.83 3.16 -4.44
CA VAL C 21 5.54 2.65 -4.01
C VAL C 21 4.43 3.59 -4.49
N ARG C 22 4.69 4.90 -4.41
CA ARG C 22 3.72 5.89 -4.84
C ARG C 22 3.49 5.82 -6.35
N GLU C 23 4.56 5.73 -7.12
CA GLU C 23 4.47 5.64 -8.57
C GLU C 23 3.62 4.41 -8.96
N LEU C 24 3.91 3.27 -8.34
CA LEU C 24 3.17 2.05 -8.62
C LEU C 24 1.70 2.17 -8.21
N LEU C 25 1.43 2.82 -7.08
CA LEU C 25 0.05 2.93 -6.62
C LEU C 25 -0.78 3.78 -7.58
N ARG C 26 -0.23 4.88 -8.07
CA ARG C 26 -0.99 5.71 -8.98
C ARG C 26 -1.25 5.02 -10.32
N GLN C 27 -0.36 4.11 -10.72
CA GLN C 27 -0.59 3.41 -11.98
C GLN C 27 -1.71 2.40 -11.73
N GLN C 28 -1.61 1.70 -10.60
CA GLN C 28 -2.60 0.69 -10.21
C GLN C 28 -4.01 1.25 -10.09
N VAL C 29 -4.14 2.44 -9.52
CA VAL C 29 -5.44 3.07 -9.37
C VAL C 29 -6.01 3.29 -10.78
N LYS C 30 -5.14 3.63 -11.72
CA LYS C 30 -5.58 3.86 -13.10
C LYS C 30 -6.09 2.55 -13.73
N GLU C 31 -5.39 1.46 -13.45
CA GLU C 31 -5.78 0.16 -14.00
C GLU C 31 -7.10 -0.29 -13.39
N ILE C 32 -7.26 -0.07 -12.09
CA ILE C 32 -8.48 -0.45 -11.38
C ILE C 32 -9.64 0.40 -11.93
N THR C 33 -9.36 1.67 -12.21
CA THR C 33 -10.40 2.55 -12.75
C THR C 33 -10.83 2.04 -14.14
N PHE C 34 -9.87 1.67 -14.97
CA PHE C 34 -10.18 1.14 -16.30
C PHE C 34 -11.06 -0.10 -16.15
N LEU C 35 -10.71 -0.96 -15.21
CA LEU C 35 -11.48 -2.18 -14.96
C LEU C 35 -12.92 -1.82 -14.58
N LYS C 36 -13.07 -0.87 -13.66
CA LYS C 36 -14.39 -0.45 -13.22
C LYS C 36 -15.27 0.01 -14.38
N ASN C 37 -14.74 0.91 -15.19
CA ASN C 37 -15.48 1.44 -16.33
C ASN C 37 -15.81 0.39 -17.38
N THR C 38 -14.92 -0.58 -17.57
CA THR C 38 -15.16 -1.63 -18.55
C THR C 38 -16.32 -2.51 -18.14
N VAL C 39 -16.47 -2.72 -16.83
CA VAL C 39 -17.56 -3.53 -16.31
C VAL C 39 -18.88 -2.78 -16.42
N MET C 40 -18.82 -1.46 -16.28
CA MET C 40 -20.01 -0.62 -16.37
C MET C 40 -20.63 -0.61 -17.77
N GLU C 41 -19.78 -0.66 -18.79
CA GLU C 41 -20.27 -0.66 -20.16
C GLU C 41 -20.32 -2.07 -20.75
N CYS C 42 -20.39 -3.06 -19.87
CA CYS C 42 -20.47 -4.47 -20.28
C CYS C 42 -21.93 -4.89 -20.41
N ASP C 43 -22.34 -5.17 -21.64
CA ASP C 43 -23.71 -5.57 -21.96
C ASP C 43 -24.29 -6.71 -21.10
N ALA C 44 -23.51 -7.78 -20.94
CA ALA C 44 -23.93 -8.95 -20.17
C ALA C 44 -24.71 -8.64 -18.89
N CYS C 45 -24.36 -7.55 -18.22
CA CYS C 45 -25.04 -7.17 -16.98
C CYS C 45 -26.20 -6.21 -17.20
N MET D 1 22.86 21.02 12.99
CA MET D 1 23.69 20.17 13.88
C MET D 1 24.08 18.86 13.20
N ASP D 2 25.23 18.87 12.53
CA ASP D 2 25.74 17.71 11.83
C ASP D 2 24.82 17.30 10.69
N LEU D 3 24.26 16.09 10.79
CA LEU D 3 23.35 15.56 9.79
C LEU D 3 21.90 15.67 10.24
N ALA D 4 21.69 16.14 11.47
CA ALA D 4 20.34 16.30 12.00
C ALA D 4 19.43 17.05 11.02
N PRO D 5 19.86 18.21 10.52
CA PRO D 5 19.02 18.96 9.59
C PRO D 5 18.65 18.12 8.36
N GLN D 6 19.62 17.39 7.83
CA GLN D 6 19.38 16.54 6.67
C GLN D 6 18.40 15.43 7.00
N MET D 7 18.57 14.82 8.17
CA MET D 7 17.69 13.73 8.59
C MET D 7 16.24 14.21 8.75
N LEU D 8 16.08 15.41 9.30
CA LEU D 8 14.75 15.99 9.50
C LEU D 8 14.06 16.23 8.15
N ARG D 9 14.82 16.67 7.15
CA ARG D 9 14.22 16.92 5.85
C ARG D 9 13.78 15.61 5.21
N GLU D 10 14.57 14.55 5.42
CA GLU D 10 14.21 13.24 4.87
C GLU D 10 12.90 12.78 5.52
N LEU D 11 12.77 13.00 6.83
CA LEU D 11 11.55 12.61 7.56
C LEU D 11 10.33 13.37 7.06
N GLN D 12 10.52 14.65 6.74
CA GLN D 12 9.43 15.48 6.23
C GLN D 12 8.98 14.98 4.85
N GLU D 13 9.94 14.63 4.00
CA GLU D 13 9.61 14.12 2.67
C GLU D 13 8.85 12.80 2.76
N THR D 14 9.22 11.96 3.72
CA THR D 14 8.56 10.67 3.95
C THR D 14 7.10 10.89 4.34
N ASN D 15 6.89 11.88 5.20
CA ASN D 15 5.56 12.21 5.67
C ASN D 15 4.72 12.72 4.48
N ALA D 16 5.34 13.50 3.61
CA ALA D 16 4.63 14.02 2.44
C ALA D 16 4.27 12.88 1.49
N ALA D 17 5.20 11.98 1.29
CA ALA D 17 4.98 10.85 0.39
C ALA D 17 3.84 9.99 0.93
N LEU D 18 3.82 9.82 2.25
CA LEU D 18 2.80 9.03 2.92
C LEU D 18 1.39 9.61 2.73
N GLN D 19 1.27 10.93 2.87
CA GLN D 19 -0.01 11.58 2.69
C GLN D 19 -0.60 11.27 1.31
N ASP D 20 0.25 11.34 0.28
CA ASP D 20 -0.20 11.05 -1.08
C ASP D 20 -0.63 9.60 -1.22
N VAL D 21 0.15 8.68 -0.65
CA VAL D 21 -0.20 7.27 -0.71
C VAL D 21 -1.55 7.06 -0.04
N ARG D 22 -1.76 7.79 1.05
CA ARG D 22 -3.01 7.72 1.82
C ARG D 22 -4.19 8.15 0.95
N GLU D 23 -4.03 9.26 0.24
CA GLU D 23 -5.09 9.78 -0.63
C GLU D 23 -5.36 8.81 -1.78
N LEU D 24 -4.29 8.27 -2.37
CA LEU D 24 -4.43 7.32 -3.47
C LEU D 24 -5.21 6.11 -3.01
N LEU D 25 -4.84 5.57 -1.86
CA LEU D 25 -5.51 4.38 -1.33
C LEU D 25 -6.97 4.64 -1.03
N ARG D 26 -7.28 5.82 -0.51
CA ARG D 26 -8.66 6.15 -0.19
C ARG D 26 -9.47 6.21 -1.50
N GLN D 27 -8.81 6.60 -2.59
CA GLN D 27 -9.48 6.67 -3.89
C GLN D 27 -9.64 5.27 -4.45
N GLN D 28 -8.62 4.44 -4.28
CA GLN D 28 -8.65 3.06 -4.77
C GLN D 28 -9.73 2.24 -4.09
N VAL D 29 -9.93 2.47 -2.80
CA VAL D 29 -10.94 1.74 -2.04
C VAL D 29 -12.34 2.04 -2.58
N LYS D 30 -12.59 3.30 -2.94
CA LYS D 30 -13.89 3.68 -3.48
C LYS D 30 -14.17 2.97 -4.80
N GLU D 31 -13.16 2.92 -5.66
CA GLU D 31 -13.31 2.26 -6.95
C GLU D 31 -13.58 0.78 -6.74
N ILE D 32 -12.81 0.16 -5.84
CA ILE D 32 -12.98 -1.26 -5.58
C ILE D 32 -14.36 -1.55 -5.02
N THR D 33 -14.82 -0.72 -4.09
CA THR D 33 -16.13 -0.92 -3.50
C THR D 33 -17.19 -0.76 -4.60
N PHE D 34 -16.98 0.18 -5.50
CA PHE D 34 -17.95 0.38 -6.58
C PHE D 34 -17.98 -0.87 -7.46
N LEU D 35 -16.81 -1.35 -7.84
CA LEU D 35 -16.71 -2.54 -8.69
C LEU D 35 -17.44 -3.71 -8.03
N LYS D 36 -17.27 -3.83 -6.72
CA LYS D 36 -17.88 -4.89 -5.92
C LYS D 36 -19.41 -4.88 -6.00
N ASN D 37 -20.01 -3.71 -5.82
CA ASN D 37 -21.46 -3.58 -5.87
C ASN D 37 -21.98 -3.81 -7.30
N THR D 38 -21.26 -3.29 -8.28
CA THR D 38 -21.63 -3.43 -9.69
C THR D 38 -21.73 -4.90 -10.10
N VAL D 39 -20.69 -5.67 -9.81
CA VAL D 39 -20.69 -7.09 -10.14
C VAL D 39 -21.74 -7.78 -9.28
N MET D 40 -21.93 -7.22 -8.08
CA MET D 40 -22.86 -7.73 -7.10
C MET D 40 -24.30 -7.53 -7.59
N GLU D 41 -24.48 -6.56 -8.48
CA GLU D 41 -25.81 -6.27 -9.01
C GLU D 41 -25.97 -6.69 -10.47
N CYS D 42 -25.06 -7.53 -10.96
CA CYS D 42 -25.14 -8.00 -12.34
C CYS D 42 -26.27 -9.01 -12.49
N ASP D 43 -27.09 -8.79 -13.52
CA ASP D 43 -28.22 -9.67 -13.79
C ASP D 43 -27.80 -11.04 -14.29
N ALA D 44 -26.80 -11.07 -15.18
CA ALA D 44 -26.31 -12.33 -15.75
C ALA D 44 -25.77 -13.29 -14.70
N CYS D 45 -25.38 -12.76 -13.55
CA CYS D 45 -24.86 -13.60 -12.46
C CYS D 45 -25.98 -14.32 -11.72
N MET E 1 17.65 18.41 23.33
CA MET E 1 18.64 19.11 22.46
C MET E 1 18.40 18.80 20.98
N ASP E 2 19.10 19.53 20.12
CA ASP E 2 18.99 19.32 18.68
C ASP E 2 17.54 19.29 18.17
N LEU E 3 17.39 18.95 16.90
CA LEU E 3 16.08 18.88 16.25
C LEU E 3 15.25 17.69 16.70
N ALA E 4 15.50 17.19 17.91
CA ALA E 4 14.75 16.04 18.42
C ALA E 4 13.24 16.28 18.39
N PRO E 5 12.77 17.40 18.96
CA PRO E 5 11.33 17.69 18.96
C PRO E 5 10.75 17.64 17.54
N GLN E 6 11.45 18.27 16.60
CA GLN E 6 10.99 18.29 15.21
C GLN E 6 10.94 16.88 14.61
N MET E 7 12.01 16.12 14.80
CA MET E 7 12.07 14.76 14.26
C MET E 7 10.98 13.87 14.85
N LEU E 8 10.78 13.97 16.16
CA LEU E 8 9.75 13.17 16.84
C LEU E 8 8.40 13.46 16.24
N ARG E 9 8.09 14.74 16.04
CA ARG E 9 6.81 15.13 15.47
C ARG E 9 6.57 14.46 14.11
N GLU E 10 7.56 14.50 13.21
CA GLU E 10 7.40 13.87 11.91
C GLU E 10 7.13 12.37 12.04
N LEU E 11 7.78 11.74 13.01
CA LEU E 11 7.59 10.31 13.24
C LEU E 11 6.17 10.06 13.73
N GLN E 12 5.65 10.95 14.56
CA GLN E 12 4.30 10.79 15.08
C GLN E 12 3.25 10.95 13.98
N GLU E 13 3.43 11.92 13.10
CA GLU E 13 2.49 12.12 12.01
C GLU E 13 2.54 10.94 11.05
N THR E 14 3.76 10.45 10.78
CA THR E 14 3.94 9.30 9.91
C THR E 14 3.18 8.09 10.45
N ASN E 15 3.32 7.80 11.75
CA ASN E 15 2.61 6.66 12.35
C ASN E 15 1.10 6.82 12.27
N ALA E 16 0.60 8.05 12.44
CA ALA E 16 -0.82 8.30 12.36
C ALA E 16 -1.32 7.94 10.95
N ALA E 17 -0.58 8.34 9.93
CA ALA E 17 -0.98 8.06 8.55
C ALA E 17 -0.83 6.57 8.24
N LEU E 18 0.22 5.96 8.79
CA LEU E 18 0.46 4.54 8.57
C LEU E 18 -0.64 3.70 9.19
N GLN E 19 -1.10 4.08 10.39
CA GLN E 19 -2.17 3.34 11.03
C GLN E 19 -3.44 3.45 10.18
N ASP E 20 -3.63 4.60 9.55
CA ASP E 20 -4.78 4.82 8.70
C ASP E 20 -4.66 3.91 7.45
N VAL E 21 -3.47 3.89 6.85
CA VAL E 21 -3.23 3.05 5.66
C VAL E 21 -3.52 1.58 5.96
N ARG E 22 -3.12 1.12 7.15
CA ARG E 22 -3.35 -0.26 7.54
C ARG E 22 -4.85 -0.56 7.59
N GLU E 23 -5.63 0.35 8.16
CA GLU E 23 -7.07 0.16 8.27
C GLU E 23 -7.71 0.22 6.88
N LEU E 24 -7.19 1.09 6.01
CA LEU E 24 -7.71 1.20 4.65
C LEU E 24 -7.45 -0.11 3.90
N LEU E 25 -6.24 -0.64 4.06
CA LEU E 25 -5.86 -1.88 3.41
C LEU E 25 -6.72 -3.02 3.96
N ARG E 26 -7.03 -2.95 5.25
CA ARG E 26 -7.86 -3.96 5.91
C ARG E 26 -9.23 -4.01 5.26
N GLN E 27 -9.82 -2.85 5.06
CA GLN E 27 -11.13 -2.75 4.43
C GLN E 27 -11.08 -3.19 2.97
N GLN E 28 -10.01 -2.79 2.27
CA GLN E 28 -9.89 -3.14 0.86
C GLN E 28 -9.81 -4.65 0.60
N VAL E 29 -9.01 -5.37 1.37
CA VAL E 29 -8.91 -6.80 1.14
C VAL E 29 -10.28 -7.45 1.38
N LYS E 30 -11.07 -6.87 2.28
CA LYS E 30 -12.39 -7.40 2.58
C LYS E 30 -13.32 -7.24 1.38
N GLU E 31 -13.26 -6.07 0.75
CA GLU E 31 -14.08 -5.80 -0.43
C GLU E 31 -13.61 -6.71 -1.57
N ILE E 32 -12.31 -6.82 -1.74
CA ILE E 32 -11.77 -7.65 -2.81
C ILE E 32 -12.21 -9.11 -2.63
N THR E 33 -12.19 -9.58 -1.39
CA THR E 33 -12.59 -10.94 -1.11
C THR E 33 -14.07 -11.16 -1.44
N PHE E 34 -14.92 -10.20 -1.12
CA PHE E 34 -16.35 -10.32 -1.43
C PHE E 34 -16.54 -10.27 -2.94
N LEU E 35 -15.76 -9.42 -3.62
CA LEU E 35 -15.82 -9.33 -5.07
C LEU E 35 -15.46 -10.69 -5.67
N LYS E 36 -14.43 -11.33 -5.12
CA LYS E 36 -13.99 -12.63 -5.60
C LYS E 36 -15.10 -13.67 -5.40
N ASN E 37 -15.69 -13.69 -4.22
CA ASN E 37 -16.76 -14.65 -3.91
C ASN E 37 -17.98 -14.50 -4.82
N THR E 38 -18.31 -13.25 -5.14
CA THR E 38 -19.45 -12.95 -5.99
C THR E 38 -19.22 -13.48 -7.40
N VAL E 39 -18.00 -13.29 -7.92
CA VAL E 39 -17.68 -13.77 -9.26
C VAL E 39 -17.66 -15.29 -9.29
N MET E 40 -17.17 -15.91 -8.22
CA MET E 40 -17.12 -17.37 -8.13
C MET E 40 -18.52 -17.98 -8.23
N GLU E 41 -19.52 -17.23 -7.75
CA GLU E 41 -20.91 -17.70 -7.77
C GLU E 41 -21.72 -17.10 -8.92
N CYS E 42 -21.05 -16.42 -9.84
CA CYS E 42 -21.75 -15.80 -10.97
C CYS E 42 -22.18 -16.88 -11.96
N ASP E 43 -23.50 -17.07 -12.08
CA ASP E 43 -24.02 -18.08 -12.99
C ASP E 43 -23.53 -17.93 -14.43
N ALA E 44 -23.39 -16.68 -14.89
CA ALA E 44 -22.91 -16.43 -16.25
C ALA E 44 -21.57 -17.13 -16.46
N CYS E 45 -20.84 -17.30 -15.37
CA CYS E 45 -19.54 -17.97 -15.41
C CYS E 45 -19.74 -19.46 -15.15
#